data_5X83
#
_entry.id   5X83
#
_cell.length_a   53.459
_cell.length_b   126.971
_cell.length_c   57.162
_cell.angle_alpha   90.00
_cell.angle_beta   99.68
_cell.angle_gamma   90.00
#
_symmetry.space_group_name_H-M   'P 1 21 1'
#
loop_
_entity.id
_entity.type
_entity.pdbx_description
1 polymer 'Netrin receptor DCC'
2 polymer 'Netrin receptor DCC'
#
loop_
_entity_poly.entity_id
_entity_poly.type
_entity_poly.pdbx_seq_one_letter_code
_entity_poly.pdbx_strand_id
1 'polypeptide(L)'
;DESQVPDQPSSLHVRPQTNCIIMSWTPPLNPNIVVRGYIIGYGVGSPYAETVRVDSKQRYYSIERLESSSHYVISLKAFN
NAGEGVPLYESATTRGSGGSGGSGGSGGSGGSGGSG
;
A,C
2 'polypeptide(L)'
;GMLPPVGVQAVALTHDAVRVSWADNSVPKNQKTSEVRLYTVRWRTSFSASAKYKSEDTTSLSYTATGLKPNTMYEFSVMV
TKNRRSSTWSMTAHATTYEAAPTSAPKDLTVITREGKPRAVIVSWQPPLEANGKITAYILFYTLDKNIPIDDWIMETISG
DRLTHQIMDLNLDTMYYFRIQARNSKGVGPLSDPILFRTLKLEVLFQ
;
B,D
#
# COMPACT_ATOMS: atom_id res chain seq x y z
N SER A 3 11.31 59.90 -46.57
CA SER A 3 12.66 60.26 -46.18
C SER A 3 13.17 59.37 -45.06
N GLN A 4 12.26 58.64 -44.43
CA GLN A 4 12.61 57.75 -43.32
C GLN A 4 11.56 56.66 -43.15
N VAL A 5 11.83 55.70 -42.28
CA VAL A 5 10.93 54.59 -42.04
C VAL A 5 9.67 55.07 -41.33
N PRO A 6 8.51 54.51 -41.72
CA PRO A 6 7.22 54.94 -41.18
C PRO A 6 6.93 54.40 -39.79
N ASP A 7 5.87 54.90 -39.17
CA ASP A 7 5.49 54.49 -37.82
C ASP A 7 4.69 53.20 -37.87
N GLN A 8 4.27 52.73 -36.69
CA GLN A 8 3.38 51.59 -36.62
C GLN A 8 1.95 52.06 -36.88
N PRO A 9 1.10 51.16 -37.40
CA PRO A 9 -0.30 51.54 -37.66
C PRO A 9 -1.01 52.01 -36.38
N SER A 10 -2.03 52.84 -36.53
CA SER A 10 -2.75 53.40 -35.39
C SER A 10 -3.59 52.36 -34.66
N SER A 11 -4.44 51.64 -35.40
CA SER A 11 -5.29 50.62 -34.79
C SER A 11 -5.38 49.38 -35.68
N LEU A 12 -5.47 48.21 -35.05
CA LEU A 12 -5.64 46.96 -35.79
C LEU A 12 -6.72 46.08 -35.16
N HIS A 13 -7.71 45.70 -35.96
CA HIS A 13 -8.79 44.83 -35.51
C HIS A 13 -8.85 43.55 -36.34
N VAL A 14 -9.17 42.44 -35.70
CA VAL A 14 -9.32 41.16 -36.38
C VAL A 14 -10.68 40.53 -36.09
N ARG A 15 -11.26 39.91 -37.12
CA ARG A 15 -12.55 39.25 -36.97
C ARG A 15 -12.48 37.85 -37.57
N PRO A 16 -11.99 36.88 -36.79
CA PRO A 16 -11.78 35.51 -37.25
C PRO A 16 -13.07 34.79 -37.64
N GLN A 17 -13.01 33.99 -38.70
CA GLN A 17 -14.14 33.19 -39.13
C GLN A 17 -13.83 31.71 -38.94
N THR A 18 -14.51 30.86 -39.70
CA THR A 18 -14.27 29.42 -39.63
C THR A 18 -13.07 28.99 -40.48
N ASN A 19 -12.77 29.80 -41.50
CA ASN A 19 -11.63 29.53 -42.38
C ASN A 19 -10.98 30.84 -42.81
N CYS A 20 -11.71 31.93 -42.67
CA CYS A 20 -11.19 33.25 -42.99
C CYS A 20 -10.78 34.02 -41.74
N ILE A 21 -9.98 35.07 -41.93
CA ILE A 21 -9.71 36.05 -40.89
C ILE A 21 -9.67 37.43 -41.52
N ILE A 22 -10.48 38.35 -40.99
CA ILE A 22 -10.60 39.68 -41.57
C ILE A 22 -9.85 40.76 -40.79
N MET A 23 -8.97 41.47 -41.47
CA MET A 23 -8.24 42.57 -40.84
C MET A 23 -8.80 43.93 -41.22
N SER A 24 -8.83 44.83 -40.25
CA SER A 24 -9.19 46.22 -40.50
C SER A 24 -8.25 47.11 -39.71
N TRP A 25 -7.57 48.02 -40.41
CA TRP A 25 -6.61 48.89 -39.77
C TRP A 25 -6.71 50.33 -40.27
N THR A 26 -5.87 51.17 -39.68
CA THR A 26 -5.83 52.59 -40.04
C THR A 26 -4.37 53.04 -40.10
N PRO A 27 -4.05 53.96 -41.02
CA PRO A 27 -2.68 54.44 -41.24
C PRO A 27 -2.02 55.06 -40.00
N PRO A 28 -0.67 55.15 -40.00
CA PRO A 28 0.07 55.73 -38.87
C PRO A 28 -0.43 57.11 -38.50
N LEU A 29 -0.34 57.45 -37.21
CA LEU A 29 -0.86 58.72 -36.72
C LEU A 29 -0.08 59.91 -37.27
N ASN A 30 1.13 59.67 -37.77
CA ASN A 30 1.94 60.74 -38.34
C ASN A 30 1.86 60.75 -39.87
N PRO A 31 1.18 61.76 -40.44
CA PRO A 31 0.95 61.83 -41.88
C PRO A 31 2.15 62.32 -42.68
N ASN A 32 3.14 62.92 -42.02
CA ASN A 32 4.29 63.49 -42.72
C ASN A 32 5.13 62.42 -43.43
N ILE A 33 5.30 61.28 -42.80
CA ILE A 33 6.11 60.19 -43.34
C ILE A 33 5.34 59.44 -44.43
N VAL A 34 6.00 59.25 -45.57
CA VAL A 34 5.36 58.61 -46.71
C VAL A 34 5.18 57.11 -46.48
N VAL A 35 4.02 56.60 -46.89
CA VAL A 35 3.72 55.18 -46.78
C VAL A 35 3.45 54.60 -48.17
N ARG A 36 4.26 53.64 -48.58
CA ARG A 36 4.14 53.03 -49.90
C ARG A 36 3.15 51.87 -49.91
N GLY A 37 2.88 51.33 -48.73
CA GLY A 37 1.98 50.20 -48.61
C GLY A 37 2.07 49.53 -47.25
N TYR A 38 1.43 48.38 -47.11
CA TYR A 38 1.48 47.63 -45.86
C TYR A 38 1.88 46.19 -46.14
N ILE A 39 2.65 45.61 -45.21
CA ILE A 39 3.06 44.23 -45.35
C ILE A 39 2.44 43.39 -44.23
N ILE A 40 1.60 42.45 -44.63
CA ILE A 40 0.90 41.58 -43.68
C ILE A 40 1.62 40.26 -43.53
N GLY A 41 1.70 39.76 -42.30
CA GLY A 41 2.26 38.45 -42.07
C GLY A 41 1.39 37.62 -41.15
N TYR A 42 1.29 36.32 -41.43
CA TYR A 42 0.49 35.43 -40.61
C TYR A 42 0.99 34.00 -40.67
N GLY A 43 0.63 33.22 -39.66
CA GLY A 43 1.02 31.82 -39.56
C GLY A 43 0.47 31.27 -38.25
N VAL A 44 0.83 30.03 -37.93
CA VAL A 44 0.51 29.48 -36.62
C VAL A 44 1.70 29.63 -35.68
N GLY A 45 1.51 30.42 -34.62
CA GLY A 45 2.57 30.66 -33.65
C GLY A 45 3.76 31.44 -34.19
N SER A 46 3.60 32.03 -35.37
CA SER A 46 4.67 32.76 -36.04
C SER A 46 4.11 33.59 -37.19
N PRO A 47 4.54 34.85 -37.31
CA PRO A 47 4.08 35.71 -38.40
C PRO A 47 5.02 35.68 -39.60
N TYR A 48 5.93 34.70 -39.62
CA TYR A 48 6.92 34.61 -40.69
C TYR A 48 6.50 33.59 -41.74
N ALA A 49 5.47 32.81 -41.43
CA ALA A 49 5.04 31.72 -42.30
C ALA A 49 4.53 32.23 -43.65
N GLU A 50 3.65 33.21 -43.62
CA GLU A 50 3.07 33.76 -44.85
C GLU A 50 3.18 35.28 -44.87
N THR A 51 3.43 35.84 -46.06
CA THR A 51 3.62 37.28 -46.18
C THR A 51 3.02 37.84 -47.47
N VAL A 52 2.12 38.81 -47.33
CA VAL A 52 1.59 39.54 -48.48
C VAL A 52 1.80 41.05 -48.28
N ARG A 53 2.00 41.77 -49.38
CA ARG A 53 2.15 43.21 -49.32
C ARG A 53 1.07 43.89 -50.14
N VAL A 54 0.41 44.87 -49.54
CA VAL A 54 -0.76 45.50 -50.16
C VAL A 54 -0.60 47.01 -50.34
N ASP A 55 -1.59 47.62 -50.97
CA ASP A 55 -1.56 49.03 -51.32
C ASP A 55 -1.68 49.93 -50.09
N SER A 56 -1.13 51.13 -50.20
CA SER A 56 -1.18 52.12 -49.12
C SER A 56 -2.60 52.61 -48.83
N LYS A 57 -3.51 52.34 -49.77
CA LYS A 57 -4.88 52.84 -49.65
C LYS A 57 -5.83 51.77 -49.13
N GLN A 58 -5.31 50.59 -48.81
CA GLN A 58 -6.15 49.52 -48.30
C GLN A 58 -6.29 49.59 -46.79
N ARG A 59 -7.51 49.35 -46.30
CA ARG A 59 -7.77 49.35 -44.87
C ARG A 59 -8.35 48.01 -44.45
N TYR A 60 -8.77 47.21 -45.43
CA TYR A 60 -9.37 45.90 -45.18
C TYR A 60 -8.65 44.80 -45.95
N TYR A 61 -8.42 43.68 -45.30
CA TYR A 61 -7.87 42.52 -45.98
C TYR A 61 -8.48 41.23 -45.44
N SER A 62 -8.78 40.31 -46.34
CA SER A 62 -9.40 39.04 -45.97
C SER A 62 -8.41 37.90 -46.16
N ILE A 63 -8.02 37.26 -45.07
CA ILE A 63 -7.11 36.13 -45.13
C ILE A 63 -7.90 34.85 -45.38
N GLU A 64 -7.53 34.13 -46.43
CA GLU A 64 -8.29 32.97 -46.87
C GLU A 64 -7.53 31.67 -46.68
N ARG A 65 -8.24 30.55 -46.82
CA ARG A 65 -7.63 29.22 -46.82
C ARG A 65 -6.87 28.88 -45.54
N LEU A 66 -7.35 29.39 -44.41
CA LEU A 66 -6.77 29.06 -43.11
C LEU A 66 -7.38 27.79 -42.53
N GLU A 67 -6.60 27.09 -41.70
CA GLU A 67 -7.05 25.85 -41.07
C GLU A 67 -8.01 26.15 -39.93
N SER A 68 -9.06 25.35 -39.81
CA SER A 68 -10.07 25.55 -38.78
C SER A 68 -9.55 25.25 -37.38
N SER A 69 -10.03 26.02 -36.41
CA SER A 69 -9.67 25.85 -35.00
C SER A 69 -8.16 25.86 -34.75
N SER A 70 -7.53 27.00 -35.00
CA SER A 70 -6.10 27.14 -34.78
C SER A 70 -5.73 28.52 -34.26
N HIS A 71 -4.60 28.62 -33.57
CA HIS A 71 -4.14 29.88 -33.00
C HIS A 71 -3.18 30.60 -33.93
N TYR A 72 -3.68 31.61 -34.64
CA TYR A 72 -2.87 32.33 -35.61
C TYR A 72 -2.28 33.61 -35.02
N VAL A 73 -1.12 34.00 -35.53
CA VAL A 73 -0.46 35.24 -35.14
C VAL A 73 -0.32 36.14 -36.35
N ILE A 74 -0.83 37.37 -36.23
CA ILE A 74 -0.85 38.29 -37.36
C ILE A 74 -0.03 39.53 -37.11
N SER A 75 0.85 39.87 -38.04
CA SER A 75 1.64 41.09 -37.94
C SER A 75 1.22 42.06 -39.04
N LEU A 76 1.45 43.34 -38.80
CA LEU A 76 1.14 44.37 -39.79
C LEU A 76 2.14 45.52 -39.70
N LYS A 77 2.83 45.79 -40.81
CA LYS A 77 3.80 46.86 -40.85
C LYS A 77 3.59 47.73 -42.08
N ALA A 78 3.88 49.02 -41.93
CA ALA A 78 3.87 49.93 -43.05
C ALA A 78 5.31 50.09 -43.52
N PHE A 79 5.51 50.30 -44.82
CA PHE A 79 6.85 50.43 -45.36
C PHE A 79 6.95 51.51 -46.43
N ASN A 80 8.15 52.04 -46.60
CA ASN A 80 8.46 52.97 -47.67
C ASN A 80 9.89 52.79 -48.18
N ASN A 81 10.36 53.73 -48.98
CA ASN A 81 11.65 53.60 -49.65
C ASN A 81 12.84 53.50 -48.71
N ALA A 82 12.67 53.90 -47.46
CA ALA A 82 13.74 53.80 -46.47
C ALA A 82 13.90 52.39 -45.90
N GLY A 83 12.79 51.74 -45.60
CA GLY A 83 12.81 50.44 -44.96
C GLY A 83 11.45 50.04 -44.42
N GLU A 84 11.44 49.22 -43.37
CA GLU A 84 10.20 48.78 -42.75
C GLU A 84 10.07 49.36 -41.34
N GLY A 85 8.84 49.67 -40.95
CA GLY A 85 8.58 50.24 -39.64
C GLY A 85 8.30 49.19 -38.58
N VAL A 86 8.27 49.62 -37.32
CA VAL A 86 7.94 48.75 -36.20
C VAL A 86 6.54 48.13 -36.39
N PRO A 87 6.44 46.81 -36.19
CA PRO A 87 5.18 46.10 -36.47
C PRO A 87 4.15 46.19 -35.34
N LEU A 88 2.89 45.97 -35.70
CA LEU A 88 1.82 45.75 -34.72
C LEU A 88 1.46 44.27 -34.73
N TYR A 89 1.22 43.71 -33.54
CA TYR A 89 0.88 42.30 -33.44
C TYR A 89 -0.53 42.08 -32.89
N GLU A 90 -1.18 41.03 -33.38
CA GLU A 90 -2.53 40.69 -32.94
C GLU A 90 -2.75 39.18 -33.00
N SER A 91 -3.30 38.62 -31.92
CA SER A 91 -3.61 37.21 -31.89
C SER A 91 -5.05 36.94 -32.30
N ALA A 92 -5.25 35.95 -33.15
CA ALA A 92 -6.59 35.59 -33.60
C ALA A 92 -6.76 34.07 -33.66
N THR A 93 -7.89 33.58 -33.18
CA THR A 93 -8.15 32.14 -33.16
C THR A 93 -9.31 31.77 -34.06
N THR A 94 -9.08 30.81 -34.96
CA THR A 94 -10.11 30.36 -35.89
C THR A 94 -11.20 29.56 -35.18
N ARG A 95 -12.45 29.75 -35.60
CA ARG A 95 -13.58 29.04 -35.01
C ARG A 95 -13.76 27.65 -35.62
N GLY A 96 -13.65 26.62 -34.78
CA GLY A 96 -13.80 25.25 -35.23
C GLY A 96 -15.19 24.93 -35.72
N GLY B 1 -20.92 9.18 -36.15
CA GLY B 1 -19.56 8.66 -36.21
C GLY B 1 -18.52 9.71 -35.86
N MET B 2 -18.46 10.08 -34.58
CA MET B 2 -17.50 11.07 -34.10
C MET B 2 -16.16 10.44 -33.72
N LEU B 3 -15.17 11.28 -33.47
CA LEU B 3 -13.86 10.81 -33.02
C LEU B 3 -13.84 10.56 -31.52
N PRO B 4 -13.43 9.34 -31.12
CA PRO B 4 -13.27 8.98 -29.72
C PRO B 4 -12.09 9.73 -29.10
N PRO B 5 -12.15 10.01 -27.79
CA PRO B 5 -11.05 10.71 -27.12
C PRO B 5 -9.77 9.89 -27.13
N VAL B 6 -8.62 10.57 -27.07
CA VAL B 6 -7.33 9.90 -27.11
C VAL B 6 -6.51 10.24 -25.88
N GLY B 7 -5.42 9.52 -25.66
CA GLY B 7 -4.55 9.79 -24.53
C GLY B 7 -5.24 9.49 -23.21
N VAL B 8 -6.16 8.52 -23.24
CA VAL B 8 -6.90 8.11 -22.06
C VAL B 8 -5.96 7.50 -21.03
N GLN B 9 -6.01 8.01 -19.81
CA GLN B 9 -5.13 7.52 -18.75
C GLN B 9 -5.91 7.25 -17.48
N ALA B 10 -5.66 6.11 -16.85
CA ALA B 10 -6.32 5.76 -15.60
C ALA B 10 -5.30 5.55 -14.49
N VAL B 11 -5.38 6.37 -13.45
CA VAL B 11 -4.42 6.28 -12.35
C VAL B 11 -5.12 5.97 -11.02
N ALA B 12 -4.71 4.88 -10.38
CA ALA B 12 -5.27 4.50 -9.10
C ALA B 12 -4.87 5.48 -8.00
N LEU B 13 -5.85 5.99 -7.27
CA LEU B 13 -5.58 6.89 -6.15
C LEU B 13 -5.44 6.11 -4.85
N THR B 14 -6.57 5.93 -4.16
CA THR B 14 -6.60 5.15 -2.93
C THR B 14 -6.80 3.68 -3.22
N HIS B 15 -7.40 2.97 -2.28
CA HIS B 15 -7.67 1.55 -2.45
C HIS B 15 -9.07 1.33 -3.04
N ASP B 16 -9.83 2.42 -3.18
CA ASP B 16 -11.18 2.35 -3.71
C ASP B 16 -11.47 3.42 -4.76
N ALA B 17 -10.44 4.20 -5.12
CA ALA B 17 -10.61 5.29 -6.07
C ALA B 17 -9.61 5.23 -7.23
N VAL B 18 -10.11 5.50 -8.44
CA VAL B 18 -9.26 5.61 -9.61
C VAL B 18 -9.68 6.84 -10.42
N ARG B 19 -8.70 7.63 -10.87
CA ARG B 19 -9.00 8.84 -11.62
C ARG B 19 -8.68 8.70 -13.11
N VAL B 20 -9.73 8.62 -13.92
CA VAL B 20 -9.57 8.59 -15.37
C VAL B 20 -9.33 9.99 -15.93
N SER B 21 -8.49 10.09 -16.95
CA SER B 21 -8.21 11.39 -17.58
C SER B 21 -7.88 11.20 -19.06
N TRP B 22 -8.61 11.93 -19.91
CA TRP B 22 -8.44 11.82 -21.36
C TRP B 22 -8.22 13.18 -22.02
N ALA B 23 -8.01 13.15 -23.33
CA ALA B 23 -7.90 14.38 -24.11
C ALA B 23 -8.70 14.26 -25.41
N ASP B 24 -9.24 15.39 -25.86
CA ASP B 24 -10.02 15.41 -27.10
C ASP B 24 -9.36 16.34 -28.12
N ASN B 25 -9.20 15.84 -29.34
CA ASN B 25 -8.58 16.62 -30.41
C ASN B 25 -9.60 17.37 -31.24
N SER B 26 -10.80 17.55 -30.70
CA SER B 26 -11.89 18.14 -31.45
C SER B 26 -12.51 19.34 -30.73
N VAL B 27 -12.06 19.61 -29.51
CA VAL B 27 -12.58 20.73 -28.74
C VAL B 27 -12.08 22.06 -29.31
N PRO B 28 -13.00 22.92 -29.76
CA PRO B 28 -12.67 24.19 -30.40
C PRO B 28 -12.34 25.30 -29.40
N LYS B 29 -11.84 26.42 -29.90
CA LYS B 29 -11.52 27.60 -29.09
C LYS B 29 -10.57 27.27 -27.94
N SER B 34 -20.18 27.19 -28.20
CA SER B 34 -21.63 27.34 -28.03
C SER B 34 -22.29 26.01 -27.68
N GLU B 35 -21.63 24.91 -28.03
CA GLU B 35 -22.15 23.58 -27.74
C GLU B 35 -21.18 22.78 -26.87
N VAL B 36 -21.72 22.06 -25.90
CA VAL B 36 -20.89 21.30 -24.95
C VAL B 36 -21.03 19.80 -25.16
N ARG B 37 -19.90 19.11 -25.20
CA ARG B 37 -19.87 17.67 -25.44
C ARG B 37 -19.83 16.88 -24.13
N LEU B 38 -20.64 15.83 -24.07
CA LEU B 38 -20.73 15.00 -22.87
C LEU B 38 -19.86 13.76 -23.01
N TYR B 39 -19.00 13.52 -22.02
CA TYR B 39 -18.16 12.33 -22.00
C TYR B 39 -18.79 11.23 -21.15
N THR B 40 -18.77 10.00 -21.64
CA THR B 40 -19.24 8.86 -20.88
C THR B 40 -18.07 7.95 -20.52
N VAL B 41 -17.96 7.60 -19.25
CA VAL B 41 -16.85 6.79 -18.77
C VAL B 41 -17.36 5.49 -18.17
N ARG B 42 -16.83 4.37 -18.65
CA ARG B 42 -17.23 3.06 -18.18
C ARG B 42 -16.08 2.34 -17.47
N TRP B 43 -16.41 1.51 -16.48
CA TRP B 43 -15.40 0.67 -15.84
C TRP B 43 -15.98 -0.68 -15.44
N ARG B 44 -15.09 -1.64 -15.22
CA ARG B 44 -15.50 -3.03 -15.00
C ARG B 44 -14.35 -3.86 -14.47
N THR B 45 -14.65 -4.80 -13.57
CA THR B 45 -13.65 -5.76 -13.11
C THR B 45 -13.17 -6.59 -14.28
N SER B 46 -11.88 -6.51 -14.58
CA SER B 46 -11.34 -7.16 -15.78
C SER B 46 -11.35 -8.68 -15.66
N PHE B 47 -11.26 -9.18 -14.44
CA PHE B 47 -11.31 -10.62 -14.19
C PHE B 47 -12.58 -11.00 -13.44
N SER B 48 -13.70 -11.10 -14.15
CA SER B 48 -14.95 -11.49 -13.52
C SER B 48 -15.89 -12.20 -14.51
N ALA B 49 -17.05 -12.61 -14.03
CA ALA B 49 -18.02 -13.30 -14.87
C ALA B 49 -18.94 -12.30 -15.54
N SER B 50 -19.36 -11.29 -14.78
CA SER B 50 -20.25 -10.26 -15.28
C SER B 50 -19.56 -9.39 -16.34
N ALA B 51 -20.02 -9.49 -17.58
CA ALA B 51 -19.51 -8.65 -18.65
C ALA B 51 -20.27 -7.33 -18.70
N LYS B 52 -20.70 -6.86 -17.52
CA LYS B 52 -21.51 -5.66 -17.42
C LYS B 52 -20.70 -4.50 -16.84
N TYR B 53 -21.02 -3.29 -17.26
CA TYR B 53 -20.24 -2.11 -16.86
C TYR B 53 -20.97 -1.22 -15.87
N LYS B 54 -20.21 -0.30 -15.26
CA LYS B 54 -20.76 0.84 -14.55
C LYS B 54 -20.29 2.09 -15.27
N SER B 55 -21.15 3.11 -15.35
CA SER B 55 -20.80 4.30 -16.11
C SER B 55 -21.30 5.59 -15.49
N GLU B 56 -20.70 6.70 -15.91
CA GLU B 56 -21.11 8.03 -15.45
C GLU B 56 -20.83 9.08 -16.51
N ASP B 57 -21.54 10.21 -16.43
CA ASP B 57 -21.41 11.27 -17.42
C ASP B 57 -20.82 12.54 -16.81
N THR B 58 -19.95 13.19 -17.57
CA THR B 58 -19.36 14.46 -17.13
C THR B 58 -19.05 15.35 -18.32
N THR B 59 -18.65 16.59 -18.04
CA THR B 59 -18.27 17.51 -19.11
C THR B 59 -16.82 17.93 -18.90
N SER B 60 -16.19 17.35 -17.88
CA SER B 60 -14.78 17.60 -17.61
C SER B 60 -13.91 16.61 -18.37
N LEU B 61 -12.61 16.85 -18.36
CA LEU B 61 -11.66 15.97 -19.01
C LEU B 61 -11.10 14.95 -18.02
N SER B 62 -11.81 14.77 -16.91
CA SER B 62 -11.41 13.83 -15.88
C SER B 62 -12.59 13.38 -15.04
N TYR B 63 -12.46 12.21 -14.41
CA TYR B 63 -13.50 11.67 -13.56
C TYR B 63 -12.93 10.67 -12.55
N THR B 64 -13.47 10.69 -11.34
CA THR B 64 -12.98 9.82 -10.28
C THR B 64 -13.92 8.64 -10.03
N ALA B 65 -13.50 7.46 -10.44
CA ALA B 65 -14.26 6.24 -10.17
C ALA B 65 -14.08 5.83 -8.71
N THR B 66 -15.19 5.79 -7.97
CA THR B 66 -15.12 5.51 -6.54
C THR B 66 -15.94 4.26 -6.18
N GLY B 67 -15.79 3.80 -4.94
CA GLY B 67 -16.51 2.64 -4.46
C GLY B 67 -16.03 1.36 -5.13
N LEU B 68 -14.71 1.21 -5.23
CA LEU B 68 -14.12 0.07 -5.93
C LEU B 68 -13.56 -0.98 -4.96
N LYS B 69 -13.41 -2.20 -5.46
CA LYS B 69 -12.77 -3.28 -4.69
C LYS B 69 -11.26 -3.07 -4.63
N PRO B 70 -10.67 -3.28 -3.44
CA PRO B 70 -9.23 -3.07 -3.23
C PRO B 70 -8.38 -4.18 -3.85
N ASN B 71 -7.12 -3.87 -4.16
CA ASN B 71 -6.19 -4.81 -4.77
C ASN B 71 -6.79 -5.50 -6.00
N THR B 72 -7.55 -4.75 -6.77
CA THR B 72 -8.27 -5.29 -7.91
C THR B 72 -7.98 -4.50 -9.18
N MET B 73 -7.97 -5.20 -10.31
CA MET B 73 -7.67 -4.58 -11.60
C MET B 73 -8.95 -4.20 -12.34
N TYR B 74 -9.03 -2.93 -12.74
CA TYR B 74 -10.18 -2.43 -13.48
C TYR B 74 -9.77 -1.98 -14.87
N GLU B 75 -10.71 -2.01 -15.80
CA GLU B 75 -10.48 -1.49 -17.14
C GLU B 75 -11.42 -0.33 -17.41
N PHE B 76 -10.91 0.74 -18.02
CA PHE B 76 -11.69 1.96 -18.23
C PHE B 76 -11.75 2.35 -19.69
N SER B 77 -12.91 2.84 -20.13
CA SER B 77 -13.08 3.31 -21.50
C SER B 77 -13.91 4.59 -21.54
N VAL B 78 -13.53 5.51 -22.43
CA VAL B 78 -14.23 6.77 -22.55
C VAL B 78 -14.77 6.99 -23.96
N MET B 79 -15.97 7.53 -24.05
CA MET B 79 -16.52 7.97 -25.33
C MET B 79 -16.99 9.40 -25.20
N VAL B 80 -17.28 10.03 -26.34
CA VAL B 80 -17.80 11.38 -26.34
C VAL B 80 -19.10 11.41 -27.15
N THR B 81 -20.06 12.22 -26.70
CA THR B 81 -21.34 12.33 -27.39
C THR B 81 -21.71 13.81 -27.57
N LYS B 82 -22.24 14.14 -28.74
CA LYS B 82 -22.65 15.51 -29.03
C LYS B 82 -23.71 15.57 -30.14
N ASN B 83 -24.84 16.18 -29.81
CA ASN B 83 -25.97 16.32 -30.73
C ASN B 83 -26.36 15.01 -31.42
N ARG B 84 -26.77 14.04 -30.61
CA ARG B 84 -27.31 12.75 -31.08
C ARG B 84 -26.25 11.84 -31.71
N ARG B 85 -25.04 12.33 -31.88
CA ARG B 85 -23.98 11.55 -32.51
C ARG B 85 -22.96 11.02 -31.51
N SER B 86 -22.90 9.70 -31.35
CA SER B 86 -21.95 9.08 -30.43
C SER B 86 -20.72 8.55 -31.16
N SER B 87 -19.57 8.63 -30.50
CA SER B 87 -18.35 8.03 -31.03
C SER B 87 -18.20 6.61 -30.51
N THR B 88 -17.19 5.90 -31.00
CA THR B 88 -16.87 4.59 -30.45
C THR B 88 -16.10 4.79 -29.16
N TRP B 89 -15.98 3.73 -28.38
CA TRP B 89 -15.21 3.80 -27.15
C TRP B 89 -13.73 3.87 -27.47
N SER B 90 -12.98 4.61 -26.66
CA SER B 90 -11.55 4.74 -26.89
C SER B 90 -10.86 3.46 -26.46
N MET B 91 -9.56 3.36 -26.71
CA MET B 91 -8.79 2.22 -26.22
C MET B 91 -8.89 2.17 -24.71
N THR B 92 -8.92 0.96 -24.17
CA THR B 92 -9.06 0.77 -22.74
C THR B 92 -7.77 1.04 -21.99
N ALA B 93 -7.89 1.67 -20.83
CA ALA B 93 -6.75 1.88 -19.95
C ALA B 93 -6.95 1.05 -18.68
N HIS B 94 -5.92 0.32 -18.28
CA HIS B 94 -6.01 -0.55 -17.12
C HIS B 94 -5.37 0.04 -15.87
N ALA B 95 -6.05 -0.11 -14.74
CA ALA B 95 -5.54 0.38 -13.47
C ALA B 95 -5.89 -0.57 -12.35
N THR B 96 -4.91 -0.86 -11.50
CA THR B 96 -5.11 -1.74 -10.35
C THR B 96 -5.06 -0.97 -9.04
N THR B 97 -6.13 -1.06 -8.26
CA THR B 97 -6.22 -0.30 -7.02
C THR B 97 -5.28 -0.85 -5.96
N TYR B 98 -4.96 -0.01 -4.99
CA TYR B 98 -4.00 -0.37 -3.95
C TYR B 98 -4.62 -1.29 -2.88
N GLU B 99 -3.78 -1.76 -1.98
CA GLU B 99 -4.22 -2.70 -0.95
C GLU B 99 -4.86 -1.99 0.23
N ALA B 100 -5.59 -2.75 1.04
CA ALA B 100 -6.23 -2.23 2.24
C ALA B 100 -6.25 -3.30 3.33
N ALA B 101 -6.37 -2.87 4.57
CA ALA B 101 -6.45 -3.80 5.69
C ALA B 101 -7.62 -4.78 5.53
N PRO B 102 -7.42 -6.04 5.95
CA PRO B 102 -8.46 -7.07 5.84
C PRO B 102 -9.68 -6.72 6.67
N THR B 103 -10.86 -7.15 6.22
CA THR B 103 -12.11 -6.83 6.89
C THR B 103 -12.71 -8.08 7.53
N SER B 104 -12.57 -9.23 6.86
CA SER B 104 -13.00 -10.50 7.42
C SER B 104 -11.94 -11.11 8.33
N ALA B 105 -12.27 -12.23 8.94
CA ALA B 105 -11.31 -12.96 9.77
C ALA B 105 -10.93 -14.29 9.10
N PRO B 106 -9.78 -14.87 9.47
CA PRO B 106 -9.40 -16.19 8.97
C PRO B 106 -10.45 -17.24 9.30
N LYS B 107 -10.67 -18.18 8.38
CA LYS B 107 -11.74 -19.16 8.54
C LYS B 107 -11.22 -20.57 8.80
N ASP B 108 -12.11 -21.43 9.28
CA ASP B 108 -11.82 -22.83 9.56
C ASP B 108 -10.57 -23.06 10.40
N LEU B 109 -10.48 -22.37 11.53
CA LEU B 109 -9.38 -22.58 12.47
C LEU B 109 -9.51 -23.96 13.10
N THR B 110 -8.44 -24.75 13.03
CA THR B 110 -8.48 -26.13 13.48
C THR B 110 -7.33 -26.47 14.43
N VAL B 111 -7.64 -27.19 15.50
CA VAL B 111 -6.61 -27.66 16.42
C VAL B 111 -6.69 -29.17 16.59
N ILE B 112 -5.61 -29.86 16.25
CA ILE B 112 -5.56 -31.32 16.37
C ILE B 112 -4.29 -31.78 17.07
N THR B 113 -4.43 -32.75 17.97
CA THR B 113 -3.30 -33.31 18.70
C THR B 113 -2.35 -34.04 17.75
N ARG B 114 -1.05 -33.84 17.94
CA ARG B 114 -0.06 -34.47 17.09
C ARG B 114 0.27 -35.88 17.60
N GLU B 115 0.19 -36.86 16.72
CA GLU B 115 0.44 -38.25 17.07
C GLU B 115 1.87 -38.68 16.73
N GLY B 116 2.49 -39.47 17.61
CA GLY B 116 1.87 -39.87 18.86
C GLY B 116 2.50 -39.16 20.04
N LYS B 117 2.68 -37.85 19.90
CA LYS B 117 3.30 -37.05 20.95
C LYS B 117 2.30 -36.03 21.48
N PRO B 118 1.64 -36.37 22.60
CA PRO B 118 0.67 -35.46 23.24
C PRO B 118 1.34 -34.21 23.78
N ARG B 119 0.57 -33.37 24.46
CA ARG B 119 1.05 -32.08 24.98
C ARG B 119 1.44 -31.12 23.85
N ALA B 120 1.20 -31.52 22.61
CA ALA B 120 1.51 -30.70 21.46
C ALA B 120 0.43 -30.82 20.41
N VAL B 121 0.02 -29.70 19.84
CA VAL B 121 -1.01 -29.70 18.81
C VAL B 121 -0.56 -28.96 17.57
N ILE B 122 -1.15 -29.32 16.43
CA ILE B 122 -0.91 -28.63 15.18
C ILE B 122 -2.12 -27.79 14.82
N VAL B 123 -1.94 -26.47 14.80
CA VAL B 123 -3.04 -25.56 14.53
C VAL B 123 -3.10 -25.23 13.04
N SER B 124 -4.26 -25.47 12.43
CA SER B 124 -4.42 -25.26 11.00
C SER B 124 -5.59 -24.31 10.71
N TRP B 125 -5.39 -23.42 9.76
CA TRP B 125 -6.43 -22.48 9.38
C TRP B 125 -6.44 -22.19 7.89
N GLN B 126 -7.28 -21.24 7.50
CA GLN B 126 -7.44 -20.87 6.10
C GLN B 126 -7.47 -19.34 5.99
N PRO B 127 -6.90 -18.78 4.90
CA PRO B 127 -6.85 -17.32 4.75
C PRO B 127 -8.23 -16.68 4.70
N PRO B 128 -8.35 -15.42 5.13
CA PRO B 128 -9.63 -14.70 5.14
C PRO B 128 -10.21 -14.51 3.74
N LEU B 129 -11.52 -14.37 3.65
CA LEU B 129 -12.19 -14.18 2.37
C LEU B 129 -11.95 -12.76 1.87
N GLU B 130 -12.05 -11.80 2.79
CA GLU B 130 -11.87 -10.40 2.46
C GLU B 130 -10.48 -9.93 2.88
N ALA B 131 -9.46 -10.51 2.26
CA ALA B 131 -8.07 -10.18 2.60
C ALA B 131 -7.70 -8.79 2.12
N ASN B 132 -8.31 -8.36 1.01
CA ASN B 132 -8.08 -7.05 0.43
C ASN B 132 -6.60 -6.74 0.22
N GLY B 133 -5.83 -7.78 -0.07
CA GLY B 133 -4.39 -7.63 -0.25
C GLY B 133 -3.62 -8.89 0.10
N LYS B 134 -2.29 -8.80 0.03
CA LYS B 134 -1.43 -9.94 0.32
C LYS B 134 -1.14 -10.05 1.82
N ILE B 135 -1.50 -11.18 2.40
CA ILE B 135 -1.33 -11.39 3.83
C ILE B 135 0.13 -11.54 4.22
N THR B 136 0.62 -10.62 5.04
CA THR B 136 2.03 -10.62 5.44
C THR B 136 2.26 -11.56 6.62
N ALA B 137 1.35 -11.56 7.59
CA ALA B 137 1.52 -12.40 8.77
C ALA B 137 0.21 -12.77 9.44
N TYR B 138 0.20 -13.92 10.10
CA TYR B 138 -0.91 -14.30 10.96
C TYR B 138 -0.50 -14.15 12.42
N ILE B 139 -1.43 -13.69 13.25
CA ILE B 139 -1.16 -13.57 14.66
C ILE B 139 -2.08 -14.52 15.43
N LEU B 140 -1.48 -15.46 16.15
CA LEU B 140 -2.23 -16.50 16.83
C LEU B 140 -2.17 -16.35 18.35
N PHE B 141 -3.33 -16.07 18.95
CA PHE B 141 -3.43 -15.96 20.39
C PHE B 141 -4.02 -17.23 20.99
N TYR B 142 -3.43 -17.70 22.09
CA TYR B 142 -4.01 -18.81 22.83
C TYR B 142 -3.72 -18.70 24.31
N THR B 143 -4.64 -19.20 25.13
CA THR B 143 -4.50 -19.09 26.57
C THR B 143 -5.11 -20.26 27.32
N LEU B 144 -4.79 -20.36 28.60
CA LEU B 144 -5.32 -21.40 29.47
C LEU B 144 -6.44 -20.83 30.34
N ASP B 145 -6.43 -19.51 30.51
CA ASP B 145 -7.35 -18.84 31.41
C ASP B 145 -8.63 -18.41 30.71
N LYS B 146 -9.75 -18.46 31.44
CA LYS B 146 -11.05 -18.10 30.91
C LYS B 146 -11.33 -16.60 30.94
N ASN B 147 -10.56 -15.86 31.74
CA ASN B 147 -10.92 -14.48 32.08
C ASN B 147 -10.01 -13.37 31.54
N ILE B 148 -8.71 -13.66 31.41
CA ILE B 148 -7.77 -12.62 30.99
C ILE B 148 -8.07 -12.12 29.58
N PRO B 149 -7.95 -10.79 29.38
CA PRO B 149 -8.24 -10.17 28.08
C PRO B 149 -7.24 -10.60 27.00
N ILE B 150 -7.55 -10.30 25.75
CA ILE B 150 -6.78 -10.81 24.60
C ILE B 150 -5.31 -10.39 24.65
N ASP B 151 -5.01 -9.27 25.29
CA ASP B 151 -3.66 -8.73 25.30
C ASP B 151 -2.74 -9.45 26.29
N ASP B 152 -3.30 -10.43 27.01
CA ASP B 152 -2.50 -11.19 27.97
C ASP B 152 -2.51 -12.67 27.64
N TRP B 153 -2.91 -13.01 26.42
CA TRP B 153 -2.82 -14.38 25.94
C TRP B 153 -1.40 -14.65 25.49
N ILE B 154 -1.12 -15.90 25.13
CA ILE B 154 0.15 -16.25 24.53
C ILE B 154 0.09 -15.94 23.04
N MET B 155 1.03 -15.14 22.56
CA MET B 155 0.98 -14.69 21.18
C MET B 155 2.03 -15.39 20.33
N GLU B 156 1.59 -15.88 19.17
CA GLU B 156 2.47 -16.55 18.23
C GLU B 156 2.36 -15.87 16.86
N THR B 157 3.50 -15.52 16.28
CA THR B 157 3.49 -14.84 14.99
C THR B 157 3.93 -15.79 13.87
N ILE B 158 3.01 -16.10 12.96
CA ILE B 158 3.28 -16.99 11.85
C ILE B 158 3.36 -16.18 10.55
N SER B 159 4.22 -16.60 9.64
CA SER B 159 4.35 -15.93 8.35
C SER B 159 3.08 -16.08 7.52
N GLY B 160 2.82 -15.10 6.66
CA GLY B 160 1.62 -15.09 5.83
C GLY B 160 1.52 -16.20 4.80
N ASP B 161 2.64 -16.86 4.51
CA ASP B 161 2.67 -17.91 3.51
C ASP B 161 2.40 -19.29 4.12
N ARG B 162 2.37 -19.36 5.46
CA ARG B 162 2.12 -20.61 6.14
C ARG B 162 0.68 -20.64 6.68
N LEU B 163 0.06 -21.81 6.62
CA LEU B 163 -1.30 -21.98 7.11
C LEU B 163 -1.37 -22.95 8.29
N THR B 164 -0.21 -23.27 8.86
CA THR B 164 -0.15 -24.16 10.03
C THR B 164 0.87 -23.67 11.04
N HIS B 165 0.68 -24.07 12.30
CA HIS B 165 1.62 -23.73 13.36
C HIS B 165 1.60 -24.80 14.44
N GLN B 166 2.75 -25.03 15.04
CA GLN B 166 2.88 -26.07 16.06
C GLN B 166 3.05 -25.45 17.44
N ILE B 167 2.17 -25.83 18.37
CA ILE B 167 2.30 -25.40 19.74
C ILE B 167 2.65 -26.59 20.63
N MET B 168 3.65 -26.40 21.49
CA MET B 168 4.16 -27.49 22.33
C MET B 168 4.07 -27.17 23.82
N ASP B 169 4.37 -28.17 24.64
CA ASP B 169 4.38 -28.03 26.10
C ASP B 169 3.07 -27.50 26.66
N LEU B 170 1.96 -28.01 26.16
CA LEU B 170 0.65 -27.69 26.73
C LEU B 170 0.43 -28.52 27.99
N ASN B 171 -0.67 -28.26 28.67
CA ASN B 171 -1.02 -29.04 29.86
C ASN B 171 -2.03 -30.14 29.51
N LEU B 172 -2.03 -31.21 30.29
CA LEU B 172 -2.92 -32.33 30.03
C LEU B 172 -4.25 -32.16 30.75
N ASP B 173 -5.33 -32.51 30.07
CA ASP B 173 -6.69 -32.30 30.56
C ASP B 173 -6.90 -30.85 30.99
N THR B 174 -6.85 -29.94 30.02
CA THR B 174 -7.08 -28.52 30.28
C THR B 174 -7.70 -27.89 29.04
N MET B 175 -8.66 -26.98 29.26
CA MET B 175 -9.34 -26.32 28.16
C MET B 175 -8.52 -25.14 27.65
N TYR B 176 -8.23 -25.14 26.36
CA TYR B 176 -7.48 -24.05 25.75
C TYR B 176 -8.36 -23.21 24.82
N TYR B 177 -8.04 -21.93 24.71
CA TYR B 177 -8.77 -21.02 23.85
C TYR B 177 -7.85 -20.55 22.72
N PHE B 178 -8.39 -20.47 21.50
CA PHE B 178 -7.58 -20.05 20.36
C PHE B 178 -8.20 -18.90 19.57
N ARG B 179 -7.38 -17.90 19.26
CA ARG B 179 -7.80 -16.74 18.46
C ARG B 179 -6.76 -16.45 17.40
N ILE B 180 -7.21 -16.14 16.19
CA ILE B 180 -6.30 -15.82 15.10
C ILE B 180 -6.80 -14.62 14.29
N GLN B 181 -5.85 -13.81 13.82
CA GLN B 181 -6.19 -12.65 12.99
C GLN B 181 -5.12 -12.48 11.91
N ALA B 182 -5.50 -11.84 10.80
CA ALA B 182 -4.57 -11.65 9.71
C ALA B 182 -4.10 -10.20 9.65
N ARG B 183 -2.80 -10.01 9.49
CA ARG B 183 -2.26 -8.67 9.28
C ARG B 183 -1.91 -8.53 7.80
N ASN B 184 -1.51 -7.34 7.40
CA ASN B 184 -1.35 -7.00 6.00
C ASN B 184 -0.59 -5.69 5.88
N SER B 185 0.04 -5.46 4.74
CA SER B 185 0.85 -4.26 4.50
C SER B 185 0.13 -2.96 4.87
N LYS B 186 -1.21 -2.97 4.87
CA LYS B 186 -1.96 -1.75 5.15
C LYS B 186 -2.74 -1.78 6.46
N GLY B 187 -2.62 -2.86 7.23
CA GLY B 187 -3.27 -2.94 8.52
C GLY B 187 -3.59 -4.35 8.99
N VAL B 188 -4.37 -4.45 10.07
CA VAL B 188 -4.70 -5.75 10.64
C VAL B 188 -6.20 -5.99 10.70
N GLY B 189 -6.63 -7.16 10.22
CA GLY B 189 -8.04 -7.52 10.25
C GLY B 189 -8.50 -7.89 11.64
N PRO B 190 -9.81 -8.15 11.79
CA PRO B 190 -10.42 -8.49 13.08
C PRO B 190 -10.05 -9.89 13.55
N LEU B 191 -10.05 -10.10 14.85
CA LEU B 191 -9.79 -11.43 15.41
C LEU B 191 -10.90 -12.39 15.00
N SER B 192 -10.58 -13.68 14.95
CA SER B 192 -11.56 -14.70 14.62
C SER B 192 -12.45 -15.00 15.82
N ASP B 193 -13.34 -15.96 15.66
CA ASP B 193 -14.16 -16.43 16.76
C ASP B 193 -13.38 -17.47 17.57
N PRO B 194 -13.59 -17.50 18.90
CA PRO B 194 -12.84 -18.41 19.78
C PRO B 194 -13.00 -19.88 19.38
N ILE B 195 -11.89 -20.61 19.42
CA ILE B 195 -11.92 -22.05 19.18
C ILE B 195 -11.64 -22.79 20.48
N LEU B 196 -12.54 -23.68 20.86
CA LEU B 196 -12.37 -24.43 22.10
C LEU B 196 -11.76 -25.80 21.83
N PHE B 197 -10.59 -26.04 22.39
CA PHE B 197 -9.95 -27.34 22.25
C PHE B 197 -9.55 -27.92 23.60
N ARG B 198 -10.06 -29.11 23.89
CA ARG B 198 -9.78 -29.78 25.15
C ARG B 198 -8.74 -30.87 24.93
N THR B 199 -7.57 -30.69 25.51
CA THR B 199 -6.54 -31.72 25.50
C THR B 199 -7.06 -32.93 26.26
N LEU B 200 -6.69 -34.13 25.80
CA LEU B 200 -7.20 -35.35 26.41
C LEU B 200 -6.42 -35.71 27.67
N LYS B 201 -7.00 -36.57 28.50
CA LYS B 201 -6.32 -37.07 29.68
C LYS B 201 -5.70 -38.43 29.37
N LEU B 202 -4.65 -38.78 30.12
CA LEU B 202 -3.89 -40.00 29.88
C LEU B 202 -4.77 -41.25 29.98
N GLU B 203 -5.78 -41.19 30.83
CA GLU B 203 -6.71 -42.30 31.00
C GLU B 203 -7.45 -42.66 29.71
N VAL B 204 -8.01 -41.64 29.05
CA VAL B 204 -8.79 -41.84 27.84
C VAL B 204 -7.92 -42.16 26.62
N LEU B 205 -6.73 -41.55 26.57
CA LEU B 205 -5.87 -41.67 25.39
C LEU B 205 -5.26 -43.06 25.24
N PHE B 206 -5.14 -43.79 26.34
CA PHE B 206 -4.55 -45.12 26.31
C PHE B 206 -5.54 -46.18 26.80
N SER C 3 -7.14 -64.74 42.86
CA SER C 3 -8.47 -65.33 42.68
C SER C 3 -9.36 -64.44 41.81
N GLN C 4 -8.96 -63.19 41.62
CA GLN C 4 -9.70 -62.25 40.81
C GLN C 4 -8.77 -61.13 40.35
N VAL C 5 -9.23 -60.30 39.41
CA VAL C 5 -8.40 -59.20 38.92
C VAL C 5 -8.32 -58.11 39.98
N PRO C 6 -7.12 -57.54 40.20
CA PRO C 6 -6.98 -56.54 41.26
C PRO C 6 -7.46 -55.16 40.82
N ASP C 7 -7.60 -54.25 41.78
CA ASP C 7 -8.05 -52.90 41.52
C ASP C 7 -6.88 -52.00 41.10
N GLN C 8 -7.17 -50.73 40.86
CA GLN C 8 -6.12 -49.75 40.63
C GLN C 8 -5.52 -49.30 41.95
N PRO C 9 -4.24 -48.87 41.92
CA PRO C 9 -3.59 -48.41 43.15
C PRO C 9 -4.33 -47.24 43.76
N SER C 10 -4.19 -47.08 45.08
CA SER C 10 -4.90 -46.03 45.79
C SER C 10 -4.38 -44.62 45.46
N SER C 11 -3.07 -44.42 45.60
CA SER C 11 -2.45 -43.14 45.30
C SER C 11 -1.12 -43.34 44.60
N LEU C 12 -0.78 -42.42 43.70
CA LEU C 12 0.50 -42.46 43.01
C LEU C 12 1.15 -41.08 43.02
N HIS C 13 2.38 -41.00 43.53
CA HIS C 13 3.11 -39.74 43.58
C HIS C 13 4.44 -39.84 42.82
N VAL C 14 4.82 -38.77 42.14
CA VAL C 14 6.10 -38.72 41.44
C VAL C 14 6.90 -37.47 41.82
N ARG C 15 8.21 -37.64 41.95
CA ARG C 15 9.11 -36.53 42.27
C ARG C 15 10.31 -36.53 41.33
N PRO C 16 10.14 -35.89 40.16
CA PRO C 16 11.14 -35.86 39.09
C PRO C 16 12.45 -35.18 39.50
N GLN C 17 13.55 -35.69 38.98
CA GLN C 17 14.87 -35.13 39.24
C GLN C 17 15.40 -34.50 37.96
N THR C 18 16.70 -34.37 37.84
CA THR C 18 17.31 -33.80 36.64
C THR C 18 17.44 -34.87 35.54
N ASN C 19 17.51 -36.13 35.97
CA ASN C 19 17.60 -37.26 35.04
C ASN C 19 16.85 -38.47 35.58
N CYS C 20 16.57 -38.45 36.87
CA CYS C 20 15.83 -39.52 37.52
C CYS C 20 14.37 -39.12 37.74
N ILE C 21 13.53 -40.11 38.00
CA ILE C 21 12.18 -39.87 38.47
C ILE C 21 11.82 -40.91 39.54
N ILE C 22 11.42 -40.44 40.72
CA ILE C 22 11.12 -41.33 41.82
C ILE C 22 9.61 -41.48 41.99
N MET C 23 9.14 -42.73 42.00
CA MET C 23 7.73 -43.02 42.16
C MET C 23 7.40 -43.47 43.57
N SER C 24 6.25 -43.05 44.07
CA SER C 24 5.75 -43.52 45.35
C SER C 24 4.26 -43.81 45.28
N TRP C 25 3.87 -45.03 45.62
CA TRP C 25 2.48 -45.43 45.56
C TRP C 25 2.07 -46.26 46.76
N THR C 26 0.79 -46.62 46.80
CA THR C 26 0.24 -47.44 47.87
C THR C 26 -0.73 -48.45 47.27
N PRO C 27 -0.79 -49.66 47.86
CA PRO C 27 -1.65 -50.75 47.37
C PRO C 27 -3.12 -50.35 47.33
N PRO C 28 -3.94 -51.08 46.54
CA PRO C 28 -5.38 -50.78 46.43
C PRO C 28 -6.08 -50.71 47.78
N LEU C 29 -7.11 -49.86 47.86
CA LEU C 29 -7.83 -49.64 49.11
C LEU C 29 -8.60 -50.89 49.53
N ASN C 30 -8.76 -51.82 48.59
CA ASN C 30 -9.44 -53.08 48.87
C ASN C 30 -8.43 -54.19 49.16
N PRO C 31 -8.31 -54.60 50.43
CA PRO C 31 -7.32 -55.56 50.89
C PRO C 31 -7.64 -57.02 50.58
N ASN C 32 -8.89 -57.31 50.21
CA ASN C 32 -9.32 -58.69 49.98
C ASN C 32 -8.61 -59.34 48.79
N ILE C 33 -8.39 -58.57 47.73
CA ILE C 33 -7.77 -59.08 46.51
C ILE C 33 -6.26 -59.22 46.65
N VAL C 34 -5.74 -60.38 46.28
CA VAL C 34 -4.32 -60.67 46.39
C VAL C 34 -3.55 -59.92 45.30
N VAL C 35 -2.39 -59.39 45.67
CA VAL C 35 -1.51 -58.68 44.73
C VAL C 35 -0.16 -59.38 44.61
N ARG C 36 0.17 -59.83 43.41
CA ARG C 36 1.43 -60.54 43.19
C ARG C 36 2.57 -59.57 42.88
N GLY C 37 2.22 -58.36 42.46
CA GLY C 37 3.20 -57.35 42.12
C GLY C 37 2.65 -56.17 41.36
N TYR C 38 3.54 -55.30 40.87
CA TYR C 38 3.14 -54.13 40.12
C TYR C 38 3.92 -54.00 38.81
N ILE C 39 3.26 -53.47 37.79
CA ILE C 39 3.91 -53.27 36.50
C ILE C 39 4.02 -51.78 36.17
N ILE C 40 5.26 -51.30 36.08
CA ILE C 40 5.51 -49.90 35.79
C ILE C 40 5.82 -49.71 34.31
N GLY C 41 5.28 -48.64 33.73
CA GLY C 41 5.59 -48.30 32.36
C GLY C 41 5.91 -46.82 32.21
N TYR C 42 6.85 -46.50 31.33
CA TYR C 42 7.21 -45.10 31.09
C TYR C 42 7.77 -44.86 29.68
N GLY C 43 7.70 -43.60 29.25
CA GLY C 43 8.20 -43.19 27.96
C GLY C 43 7.91 -41.71 27.73
N VAL C 44 8.20 -41.22 26.54
CA VAL C 44 7.81 -39.86 26.18
C VAL C 44 6.51 -39.86 25.39
N GLY C 45 5.47 -39.26 25.96
CA GLY C 45 4.17 -39.21 25.33
C GLY C 45 3.47 -40.56 25.21
N SER C 46 4.00 -41.56 25.91
CA SER C 46 3.48 -42.92 25.86
C SER C 46 4.07 -43.75 26.99
N PRO C 47 3.22 -44.52 27.69
CA PRO C 47 3.69 -45.38 28.78
C PRO C 47 4.01 -46.80 28.33
N TYR C 48 4.10 -47.02 27.03
CA TYR C 48 4.35 -48.35 26.49
C TYR C 48 5.81 -48.56 26.09
N ALA C 49 6.58 -47.49 26.10
CA ALA C 49 7.97 -47.52 25.63
C ALA C 49 8.85 -48.45 26.49
N GLU C 50 8.76 -48.29 27.79
CA GLU C 50 9.56 -49.08 28.72
C GLU C 50 8.66 -49.71 29.77
N THR C 51 8.97 -50.93 30.18
CA THR C 51 8.14 -51.65 31.13
C THR C 51 8.98 -52.49 32.10
N VAL C 52 8.79 -52.22 33.39
CA VAL C 52 9.43 -53.03 34.43
C VAL C 52 8.39 -53.58 35.40
N ARG C 53 8.67 -54.76 35.94
CA ARG C 53 7.79 -55.38 36.91
C ARG C 53 8.53 -55.61 38.23
N VAL C 54 7.92 -55.20 39.33
CA VAL C 54 8.58 -55.24 40.64
C VAL C 54 7.79 -56.06 41.66
N ASP C 55 8.37 -56.19 42.85
CA ASP C 55 7.80 -57.01 43.90
C ASP C 55 6.53 -56.35 44.48
N SER C 56 5.62 -57.18 44.99
CA SER C 56 4.37 -56.69 45.57
C SER C 56 4.57 -55.86 46.83
N LYS C 57 5.76 -55.94 47.43
CA LYS C 57 6.01 -55.26 48.70
C LYS C 57 6.76 -53.94 48.52
N GLN C 58 7.05 -53.58 47.27
CA GLN C 58 7.75 -52.33 46.99
C GLN C 58 6.79 -51.16 46.81
N ARG C 59 7.16 -50.00 47.33
CA ARG C 59 6.34 -48.79 47.22
C ARG C 59 7.09 -47.67 46.50
N TYR C 60 8.39 -47.84 46.33
CA TYR C 60 9.22 -46.82 45.69
C TYR C 60 10.05 -47.39 44.54
N TYR C 61 10.13 -46.65 43.44
CA TYR C 61 10.98 -47.02 42.32
C TYR C 61 11.64 -45.81 41.68
N SER C 62 12.90 -45.95 41.32
CA SER C 62 13.66 -44.85 40.73
C SER C 62 13.98 -45.12 39.25
N ILE C 63 13.42 -44.30 38.38
CA ILE C 63 13.66 -44.41 36.95
C ILE C 63 14.92 -43.64 36.55
N GLU C 64 15.85 -44.31 35.88
CA GLU C 64 17.15 -43.71 35.60
C GLU C 64 17.38 -43.40 34.13
N ARG C 65 18.41 -42.60 33.86
CA ARG C 65 18.88 -42.31 32.51
C ARG C 65 17.82 -41.67 31.62
N LEU C 66 16.94 -40.86 32.22
CA LEU C 66 15.97 -40.10 31.46
C LEU C 66 16.58 -38.77 31.00
N GLU C 67 16.08 -38.24 29.89
CA GLU C 67 16.57 -36.98 29.34
C GLU C 67 16.05 -35.78 30.12
N SER C 68 16.93 -34.79 30.31
CA SER C 68 16.58 -33.59 31.04
C SER C 68 15.58 -32.74 30.25
N SER C 69 14.69 -32.06 30.97
CA SER C 69 13.67 -31.20 30.38
C SER C 69 12.83 -31.96 29.36
N SER C 70 12.08 -32.95 29.81
CA SER C 70 11.23 -33.72 28.93
C SER C 70 9.92 -34.13 29.60
N HIS C 71 8.89 -34.35 28.79
CA HIS C 71 7.58 -34.73 29.31
C HIS C 71 7.38 -36.23 29.28
N TYR C 72 7.54 -36.88 30.42
CA TYR C 72 7.40 -38.33 30.52
C TYR C 72 6.02 -38.72 30.99
N VAL C 73 5.56 -39.89 30.56
CA VAL C 73 4.27 -40.42 30.99
C VAL C 73 4.47 -41.74 31.72
N ILE C 74 3.94 -41.83 32.93
CA ILE C 74 4.15 -43.00 33.78
C ILE C 74 2.85 -43.73 34.10
N SER C 75 2.85 -45.04 33.89
CA SER C 75 1.70 -45.87 34.21
C SER C 75 2.01 -46.80 35.37
N LEU C 76 0.97 -47.23 36.08
CA LEU C 76 1.14 -48.18 37.16
C LEU C 76 -0.08 -49.07 37.29
N LYS C 77 0.14 -50.38 37.23
CA LYS C 77 -0.94 -51.34 37.36
C LYS C 77 -0.58 -52.42 38.36
N ALA C 78 -1.58 -52.93 39.07
CA ALA C 78 -1.37 -54.07 39.94
C ALA C 78 -1.83 -55.34 39.22
N PHE C 79 -1.18 -56.46 39.50
CA PHE C 79 -1.54 -57.72 38.84
C PHE C 79 -1.46 -58.91 39.77
N ASN C 80 -2.20 -59.96 39.42
CA ASN C 80 -2.10 -61.25 40.08
C ASN C 80 -2.34 -62.33 39.03
N ASN C 81 -2.45 -63.58 39.44
CA ASN C 81 -2.56 -64.69 38.50
C ASN C 81 -3.82 -64.62 37.63
N ALA C 82 -4.79 -63.81 38.03
CA ALA C 82 -6.01 -63.65 37.25
C ALA C 82 -5.75 -62.77 36.02
N GLY C 83 -4.98 -61.71 36.22
CA GLY C 83 -4.71 -60.77 35.15
C GLY C 83 -4.11 -59.47 35.66
N GLU C 84 -4.35 -58.40 34.90
CA GLU C 84 -3.87 -57.07 35.28
C GLU C 84 -5.05 -56.16 35.57
N GLY C 85 -4.88 -55.26 36.54
CA GLY C 85 -5.94 -54.34 36.91
C GLY C 85 -5.90 -53.04 36.11
N VAL C 86 -6.96 -52.25 36.22
CA VAL C 86 -7.01 -50.93 35.59
C VAL C 86 -5.84 -50.07 36.09
N PRO C 87 -5.14 -49.41 35.16
CA PRO C 87 -3.92 -48.66 35.49
C PRO C 87 -4.17 -47.25 36.05
N LEU C 88 -3.17 -46.73 36.75
CA LEU C 88 -3.14 -45.31 37.12
C LEU C 88 -2.13 -44.59 36.23
N TYR C 89 -2.48 -43.40 35.78
CA TYR C 89 -1.60 -42.63 34.92
C TYR C 89 -1.14 -41.35 35.59
N GLU C 90 0.10 -40.95 35.32
CA GLU C 90 0.66 -39.73 35.90
C GLU C 90 1.66 -39.06 34.96
N SER C 91 1.50 -37.75 34.78
CA SER C 91 2.42 -36.97 33.97
C SER C 91 3.51 -36.38 34.84
N ALA C 92 4.76 -36.50 34.39
CA ALA C 92 5.91 -35.97 35.12
C ALA C 92 6.91 -35.32 34.17
N THR C 93 7.42 -34.16 34.57
CA THR C 93 8.35 -33.42 33.74
C THR C 93 9.74 -33.36 34.39
N THR C 94 10.76 -33.73 33.63
CA THR C 94 12.13 -33.75 34.13
C THR C 94 12.65 -32.33 34.36
N ARG C 95 13.45 -32.16 35.40
CA ARG C 95 14.03 -30.87 35.74
C ARG C 95 15.26 -30.57 34.88
N GLY C 96 15.19 -29.49 34.11
CA GLY C 96 16.29 -29.10 33.25
C GLY C 96 17.55 -28.69 33.98
N SER C 97 18.69 -28.85 33.32
CA SER C 97 19.97 -28.48 33.89
C SER C 97 20.27 -27.00 33.65
N MET D 2 25.29 -18.08 26.75
CA MET D 2 23.93 -18.59 26.71
C MET D 2 23.43 -18.77 25.28
N LEU D 3 22.29 -19.44 25.14
CA LEU D 3 21.66 -19.63 23.84
C LEU D 3 20.85 -18.41 23.43
N PRO D 4 21.12 -17.89 22.23
CA PRO D 4 20.37 -16.76 21.68
C PRO D 4 18.94 -17.16 21.34
N PRO D 5 17.99 -16.22 21.43
CA PRO D 5 16.59 -16.53 21.12
C PRO D 5 16.38 -16.92 19.67
N VAL D 6 15.34 -17.72 19.41
CA VAL D 6 15.07 -18.20 18.06
C VAL D 6 13.67 -17.81 17.61
N GLY D 7 13.39 -18.01 16.32
CA GLY D 7 12.09 -17.70 15.77
C GLY D 7 11.80 -16.20 15.80
N VAL D 8 12.85 -15.39 15.73
CA VAL D 8 12.69 -13.94 15.74
C VAL D 8 11.97 -13.43 14.49
N GLN D 9 10.87 -12.71 14.69
CA GLN D 9 10.10 -12.14 13.59
C GLN D 9 9.71 -10.69 13.90
N ALA D 10 9.82 -9.84 12.89
CA ALA D 10 9.48 -8.42 13.04
C ALA D 10 8.32 -8.04 12.12
N VAL D 11 7.22 -7.61 12.73
CA VAL D 11 6.01 -7.25 12.00
C VAL D 11 5.64 -5.78 12.21
N ALA D 12 5.50 -5.05 11.11
CA ALA D 12 5.14 -3.64 11.16
C ALA D 12 3.71 -3.42 11.63
N LEU D 13 3.54 -2.54 12.63
CA LEU D 13 2.22 -2.17 13.12
C LEU D 13 1.68 -0.94 12.40
N THR D 14 2.00 0.24 12.93
CA THR D 14 1.60 1.49 12.27
C THR D 14 2.66 1.91 11.26
N HIS D 15 2.76 3.22 11.01
CA HIS D 15 3.75 3.73 10.07
C HIS D 15 5.04 4.10 10.80
N ASP D 16 5.03 4.01 12.12
CA ASP D 16 6.20 4.33 12.92
C ASP D 16 6.46 3.27 13.98
N ALA D 17 5.68 2.19 13.94
CA ALA D 17 5.81 1.14 14.94
C ALA D 17 5.97 -0.24 14.30
N VAL D 18 6.89 -1.03 14.85
CA VAL D 18 7.10 -2.40 14.42
C VAL D 18 7.25 -3.29 15.65
N ARG D 19 6.56 -4.44 15.65
CA ARG D 19 6.60 -5.32 16.80
C ARG D 19 7.44 -6.58 16.55
N VAL D 20 8.60 -6.62 17.21
CA VAL D 20 9.46 -7.79 17.17
C VAL D 20 8.93 -8.84 18.13
N SER D 21 9.04 -10.11 17.77
CA SER D 21 8.56 -11.19 18.61
C SER D 21 9.39 -12.46 18.43
N TRP D 22 9.88 -12.98 19.55
CA TRP D 22 10.74 -14.16 19.53
C TRP D 22 10.19 -15.24 20.47
N ALA D 23 10.87 -16.38 20.49
CA ALA D 23 10.49 -17.48 21.38
C ALA D 23 11.74 -18.04 22.05
N ASP D 24 11.56 -18.54 23.28
CA ASP D 24 12.67 -19.11 24.03
C ASP D 24 12.43 -20.59 24.30
N VAL D 36 15.07 -14.14 36.69
CA VAL D 36 14.37 -13.62 35.53
C VAL D 36 15.36 -13.15 34.46
N ARG D 37 15.14 -13.58 33.22
CA ARG D 37 16.04 -13.26 32.13
C ARG D 37 15.59 -12.03 31.35
N LEU D 38 16.55 -11.13 31.09
CA LEU D 38 16.27 -9.88 30.40
C LEU D 38 16.63 -9.95 28.91
N TYR D 39 15.69 -9.57 28.06
CA TYR D 39 15.95 -9.52 26.62
C TYR D 39 16.31 -8.11 26.17
N THR D 40 17.34 -8.00 25.33
CA THR D 40 17.72 -6.73 24.74
C THR D 40 17.46 -6.76 23.24
N VAL D 41 16.77 -5.74 22.73
CA VAL D 41 16.42 -5.70 21.31
C VAL D 41 17.04 -4.49 20.64
N ARG D 42 17.78 -4.73 19.57
CA ARG D 42 18.44 -3.67 18.82
C ARG D 42 17.85 -3.55 17.41
N TRP D 43 17.86 -2.34 16.86
CA TRP D 43 17.43 -2.15 15.48
C TRP D 43 18.23 -1.05 14.79
N ARG D 44 18.16 -1.02 13.46
CA ARG D 44 19.00 -0.13 12.67
C ARG D 44 18.47 -0.04 11.24
N THR D 45 18.51 1.16 10.67
CA THR D 45 18.16 1.36 9.27
C THR D 45 19.14 0.60 8.37
N SER D 46 18.62 -0.36 7.61
CA SER D 46 19.47 -1.23 6.81
C SER D 46 20.11 -0.48 5.65
N PHE D 47 19.44 0.59 5.18
CA PHE D 47 19.99 1.40 4.10
C PHE D 47 20.38 2.79 4.57
N SER D 48 21.51 2.90 5.24
CA SER D 48 22.01 4.18 5.71
C SER D 48 23.53 4.15 5.86
N ALA D 49 24.10 5.29 6.25
CA ALA D 49 25.54 5.41 6.44
C ALA D 49 25.94 5.02 7.85
N SER D 50 25.13 5.45 8.82
CA SER D 50 25.40 5.17 10.23
C SER D 50 25.27 3.68 10.55
N ALA D 51 26.39 3.05 10.89
CA ALA D 51 26.40 1.65 11.31
C ALA D 51 26.13 1.51 12.80
N LYS D 52 25.35 2.43 13.34
CA LYS D 52 25.07 2.46 14.78
C LYS D 52 23.64 2.01 15.06
N TYR D 53 23.42 1.41 16.23
CA TYR D 53 22.12 0.85 16.57
C TYR D 53 21.34 1.68 17.58
N LYS D 54 20.05 1.38 17.69
CA LYS D 54 19.22 1.81 18.80
C LYS D 54 18.73 0.56 19.50
N SER D 55 18.63 0.58 20.83
CA SER D 55 18.25 -0.62 21.57
C SER D 55 17.38 -0.33 22.80
N GLU D 56 16.69 -1.38 23.26
CA GLU D 56 15.86 -1.29 24.46
C GLU D 56 15.79 -2.65 25.15
N ASP D 57 15.45 -2.64 26.45
CA ASP D 57 15.38 -3.88 27.23
C ASP D 57 13.97 -4.20 27.70
N THR D 58 13.60 -5.48 27.68
CA THR D 58 12.30 -5.93 28.16
C THR D 58 12.37 -7.34 28.76
N THR D 59 11.28 -7.78 29.37
CA THR D 59 11.21 -9.13 29.92
C THR D 59 10.09 -9.94 29.27
N SER D 60 9.41 -9.34 28.30
CA SER D 60 8.38 -10.03 27.54
C SER D 60 9.01 -10.71 26.34
N LEU D 61 8.23 -11.52 25.63
CA LEU D 61 8.73 -12.19 24.44
C LEU D 61 8.41 -11.37 23.20
N SER D 62 8.13 -10.08 23.40
CA SER D 62 7.86 -9.16 22.31
C SER D 62 8.10 -7.72 22.74
N TYR D 63 8.38 -6.86 21.77
CA TYR D 63 8.60 -5.45 22.04
C TYR D 63 8.35 -4.62 20.78
N THR D 64 7.77 -3.44 20.96
CA THR D 64 7.42 -2.58 19.84
C THR D 64 8.41 -1.43 19.67
N ALA D 65 9.22 -1.50 18.61
CA ALA D 65 10.12 -0.42 18.26
C ALA D 65 9.33 0.71 17.64
N THR D 66 9.40 1.88 18.27
CA THR D 66 8.59 3.02 17.84
C THR D 66 9.46 4.20 17.42
N GLY D 67 8.80 5.21 16.85
CA GLY D 67 9.49 6.41 16.38
C GLY D 67 10.35 6.18 15.16
N LEU D 68 9.83 5.44 14.19
CA LEU D 68 10.58 5.12 12.98
C LEU D 68 10.12 5.96 11.79
N LYS D 69 10.99 6.08 10.79
CA LYS D 69 10.63 6.75 9.54
C LYS D 69 9.75 5.82 8.71
N PRO D 70 8.69 6.35 8.09
CA PRO D 70 7.75 5.53 7.32
C PRO D 70 8.33 5.05 6.00
N ASN D 71 7.77 3.97 5.46
CA ASN D 71 8.22 3.36 4.21
C ASN D 71 9.72 3.05 4.20
N THR D 72 10.23 2.59 5.34
CA THR D 72 11.65 2.31 5.50
C THR D 72 11.85 0.89 6.00
N MET D 73 12.94 0.25 5.56
CA MET D 73 13.23 -1.13 5.94
C MET D 73 14.22 -1.19 7.11
N TYR D 74 13.83 -1.90 8.17
CA TYR D 74 14.66 -2.02 9.36
C TYR D 74 15.08 -3.45 9.63
N GLU D 75 16.21 -3.62 10.32
CA GLU D 75 16.66 -4.94 10.74
C GLU D 75 16.69 -5.01 12.26
N PHE D 76 16.22 -6.12 12.80
CA PHE D 76 16.08 -6.27 14.25
C PHE D 76 16.83 -7.49 14.77
N SER D 77 17.45 -7.35 15.94
CA SER D 77 18.16 -8.46 16.57
C SER D 77 17.91 -8.49 18.06
N VAL D 78 17.77 -9.69 18.62
CA VAL D 78 17.50 -9.84 20.03
C VAL D 78 18.58 -10.70 20.70
N MET D 79 18.95 -10.33 21.92
CA MET D 79 19.82 -11.18 22.73
C MET D 79 19.16 -11.42 24.09
N VAL D 80 19.70 -12.36 24.85
CA VAL D 80 19.18 -12.62 26.19
C VAL D 80 20.31 -12.53 27.20
N THR D 81 20.01 -11.99 28.38
CA THR D 81 20.99 -11.84 29.45
C THR D 81 20.43 -12.34 30.78
N LYS D 82 21.26 -13.03 31.56
CA LYS D 82 20.85 -13.50 32.87
C LYS D 82 22.06 -13.74 33.77
N ASN D 83 22.06 -13.09 34.93
CA ASN D 83 23.17 -13.18 35.89
C ASN D 83 24.54 -12.97 35.26
N ARG D 84 24.74 -11.78 34.70
CA ARG D 84 26.02 -11.34 34.15
C ARG D 84 26.40 -12.08 32.87
N ARG D 85 25.62 -13.08 32.48
CA ARG D 85 25.92 -13.87 31.29
C ARG D 85 25.00 -13.51 30.13
N SER D 86 25.59 -12.92 29.09
CA SER D 86 24.84 -12.54 27.89
C SER D 86 25.05 -13.55 26.77
N SER D 87 24.02 -13.74 25.95
CA SER D 87 24.13 -14.58 24.77
C SER D 87 24.59 -13.76 23.58
N THR D 88 24.84 -14.43 22.45
CA THR D 88 25.12 -13.73 21.21
C THR D 88 23.82 -13.23 20.60
N TRP D 89 23.93 -12.34 19.62
CA TRP D 89 22.73 -11.82 18.98
C TRP D 89 22.07 -12.87 18.10
N SER D 90 20.74 -12.82 18.05
CA SER D 90 19.96 -13.76 17.25
C SER D 90 20.01 -13.42 15.78
N MET D 91 19.41 -14.27 14.96
CA MET D 91 19.25 -13.99 13.54
C MET D 91 18.48 -12.70 13.35
N THR D 92 18.83 -11.92 12.33
CA THR D 92 18.17 -10.64 12.08
C THR D 92 16.82 -10.86 11.40
N ALA D 93 15.84 -10.06 11.81
CA ALA D 93 14.52 -10.07 11.17
C ALA D 93 14.30 -8.75 10.45
N HIS D 94 13.81 -8.83 9.22
CA HIS D 94 13.61 -7.62 8.42
C HIS D 94 12.15 -7.22 8.41
N ALA D 95 11.91 -5.92 8.57
CA ALA D 95 10.55 -5.39 8.56
C ALA D 95 10.49 -4.01 7.92
N THR D 96 9.51 -3.82 7.05
CA THR D 96 9.30 -2.52 6.42
C THR D 96 8.03 -1.89 6.97
N THR D 97 8.19 -0.70 7.53
CA THR D 97 7.08 0.02 8.16
C THR D 97 6.09 0.53 7.13
N TYR D 98 4.89 0.89 7.59
CA TYR D 98 3.81 1.26 6.68
C TYR D 98 4.06 2.62 6.03
N GLU D 99 3.23 2.94 5.04
CA GLU D 99 3.37 4.20 4.32
C GLU D 99 2.61 5.31 5.04
N ALA D 100 2.92 6.55 4.66
CA ALA D 100 2.24 7.70 5.23
C ALA D 100 2.10 8.79 4.18
N ALA D 101 1.14 9.69 4.38
CA ALA D 101 0.95 10.81 3.48
C ALA D 101 2.23 11.63 3.39
N PRO D 102 2.52 12.17 2.20
CA PRO D 102 3.74 12.97 2.01
C PRO D 102 3.75 14.20 2.92
N THR D 103 4.94 14.64 3.31
CA THR D 103 5.09 15.74 4.24
C THR D 103 5.59 16.99 3.53
N SER D 104 6.55 16.81 2.62
CA SER D 104 7.03 17.91 1.80
C SER D 104 6.14 18.10 0.59
N ALA D 105 6.46 19.12 -0.21
CA ALA D 105 5.79 19.38 -1.46
C ALA D 105 6.76 19.06 -2.59
N PRO D 106 6.25 18.85 -3.82
CA PRO D 106 7.14 18.67 -4.97
C PRO D 106 8.10 19.84 -5.11
N LYS D 107 9.34 19.58 -5.51
CA LYS D 107 10.36 20.62 -5.51
C LYS D 107 10.75 21.07 -6.91
N ASP D 108 11.40 22.23 -6.97
CA ASP D 108 11.88 22.82 -8.22
C ASP D 108 10.83 22.86 -9.31
N LEU D 109 9.66 23.41 -8.98
CA LEU D 109 8.61 23.57 -9.98
C LEU D 109 9.03 24.63 -11.01
N THR D 110 9.02 24.25 -12.28
CA THR D 110 9.51 25.11 -13.34
C THR D 110 8.52 25.21 -14.50
N VAL D 111 8.32 26.42 -15.01
CA VAL D 111 7.47 26.64 -16.17
C VAL D 111 8.22 27.36 -17.28
N ILE D 112 8.31 26.71 -18.44
CA ILE D 112 9.01 27.27 -19.58
C ILE D 112 8.13 27.19 -20.83
N THR D 113 8.13 28.25 -21.62
CA THR D 113 7.37 28.30 -22.86
C THR D 113 7.89 27.27 -23.85
N ARG D 114 6.97 26.59 -24.53
CA ARG D 114 7.36 25.57 -25.50
C ARG D 114 7.71 26.21 -26.83
N GLU D 115 8.88 25.87 -27.36
CA GLU D 115 9.34 26.42 -28.63
C GLU D 115 9.06 25.44 -29.77
N GLY D 116 8.62 25.97 -30.91
CA GLY D 116 8.35 27.39 -31.06
C GLY D 116 6.86 27.65 -31.08
N LYS D 117 6.14 27.06 -30.13
CA LYS D 117 4.69 27.18 -30.05
C LYS D 117 4.25 27.93 -28.80
N PRO D 118 3.98 29.23 -28.93
CA PRO D 118 3.49 30.02 -27.79
C PRO D 118 2.10 29.55 -27.35
N ARG D 119 1.53 30.23 -26.37
CA ARG D 119 0.22 29.86 -25.80
C ARG D 119 0.23 28.48 -25.12
N ALA D 120 1.41 27.86 -25.05
CA ALA D 120 1.55 26.56 -24.41
C ALA D 120 2.88 26.46 -23.66
N VAL D 121 2.84 25.89 -22.46
CA VAL D 121 4.06 25.78 -21.65
C VAL D 121 4.30 24.35 -21.18
N ILE D 122 5.57 24.04 -20.91
CA ILE D 122 5.95 22.75 -20.37
C ILE D 122 6.32 22.88 -18.90
N VAL D 123 5.53 22.26 -18.04
CA VAL D 123 5.75 22.36 -16.60
C VAL D 123 6.60 21.19 -16.11
N SER D 124 7.72 21.51 -15.47
CA SER D 124 8.66 20.50 -15.03
C SER D 124 8.93 20.60 -13.53
N TRP D 125 8.99 19.44 -12.87
CA TRP D 125 9.26 19.42 -11.43
C TRP D 125 10.12 18.21 -11.04
N GLN D 126 10.29 18.05 -9.73
CA GLN D 126 11.07 16.95 -9.16
C GLN D 126 10.30 16.39 -7.98
N PRO D 127 10.38 15.07 -7.74
CA PRO D 127 9.60 14.47 -6.65
C PRO D 127 9.96 15.03 -5.28
N PRO D 128 8.98 15.04 -4.35
CA PRO D 128 9.18 15.56 -3.00
C PRO D 128 10.23 14.77 -2.23
N LEU D 129 10.88 15.41 -1.26
CA LEU D 129 11.91 14.75 -0.46
C LEU D 129 11.29 13.82 0.58
N GLU D 130 10.24 14.28 1.23
CA GLU D 130 9.56 13.47 2.25
C GLU D 130 8.27 12.87 1.70
N ALA D 131 8.43 11.96 0.73
CA ALA D 131 7.29 11.30 0.10
C ALA D 131 6.64 10.30 1.05
N ASN D 132 7.45 9.73 1.94
CA ASN D 132 7.00 8.74 2.91
C ASN D 132 6.24 7.58 2.29
N GLY D 133 6.63 7.20 1.08
CA GLY D 133 5.96 6.15 0.35
C GLY D 133 6.08 6.33 -1.15
N LYS D 134 5.42 5.48 -1.91
CA LYS D 134 5.46 5.57 -3.37
C LYS D 134 4.40 6.53 -3.87
N ILE D 135 4.83 7.56 -4.60
CA ILE D 135 3.92 8.58 -5.09
C ILE D 135 3.03 7.99 -6.18
N THR D 136 1.72 7.97 -5.92
CA THR D 136 0.77 7.38 -6.85
C THR D 136 0.42 8.35 -7.97
N ALA D 137 0.23 9.61 -7.60
CA ALA D 137 -0.17 10.63 -8.57
C ALA D 137 0.26 12.02 -8.14
N TYR D 138 0.45 12.90 -9.12
CA TYR D 138 0.66 14.32 -8.85
C TYR D 138 -0.58 15.11 -9.21
N ILE D 139 -0.88 16.12 -8.42
CA ILE D 139 -2.00 17.01 -8.71
C ILE D 139 -1.50 18.43 -8.99
N LEU D 140 -1.76 18.92 -10.19
CA LEU D 140 -1.25 20.22 -10.61
C LEU D 140 -2.36 21.25 -10.76
N PHE D 141 -2.32 22.28 -9.92
CA PHE D 141 -3.29 23.37 -9.98
C PHE D 141 -2.72 24.59 -10.69
N TYR D 142 -3.51 25.16 -11.60
CA TYR D 142 -3.13 26.43 -12.22
C TYR D 142 -4.36 27.25 -12.59
N THR D 143 -4.22 28.57 -12.51
CA THR D 143 -5.35 29.46 -12.74
C THR D 143 -4.93 30.81 -13.31
N LEU D 144 -5.91 31.55 -13.80
CA LEU D 144 -5.69 32.88 -14.35
C LEU D 144 -6.08 33.98 -13.36
N ASP D 145 -6.96 33.65 -12.42
CA ASP D 145 -7.50 34.63 -11.48
C ASP D 145 -6.65 34.72 -10.20
N LYS D 146 -6.58 35.92 -9.64
CA LYS D 146 -5.79 36.18 -8.44
C LYS D 146 -6.52 35.85 -7.13
N ASN D 147 -7.83 35.73 -7.19
CA ASN D 147 -8.64 35.70 -5.96
C ASN D 147 -9.33 34.37 -5.63
N ILE D 148 -9.72 33.60 -6.65
CA ILE D 148 -10.46 32.37 -6.41
C ILE D 148 -9.62 31.35 -5.64
N PRO D 149 -10.26 30.66 -4.67
CA PRO D 149 -9.56 29.69 -3.83
C PRO D 149 -9.06 28.48 -4.61
N ILE D 150 -8.19 27.68 -3.98
CA ILE D 150 -7.49 26.59 -4.66
C ILE D 150 -8.42 25.54 -5.27
N ASP D 151 -9.61 25.38 -4.70
CA ASP D 151 -10.51 24.33 -5.13
C ASP D 151 -11.29 24.69 -6.40
N ASP D 152 -11.03 25.88 -6.94
CA ASP D 152 -11.69 26.32 -8.16
C ASP D 152 -10.70 26.65 -9.28
N TRP D 153 -9.45 26.18 -9.11
CA TRP D 153 -8.45 26.30 -10.16
C TRP D 153 -8.66 25.21 -11.20
N ILE D 154 -7.87 25.25 -12.27
CA ILE D 154 -7.87 24.18 -13.25
C ILE D 154 -6.99 23.05 -12.72
N MET D 155 -7.56 21.85 -12.62
CA MET D 155 -6.83 20.73 -12.03
C MET D 155 -6.40 19.71 -13.06
N GLU D 156 -5.12 19.32 -13.01
CA GLU D 156 -4.58 18.28 -13.87
C GLU D 156 -3.91 17.21 -13.03
N THR D 157 -4.28 15.96 -13.27
CA THR D 157 -3.69 14.85 -12.52
C THR D 157 -2.70 14.07 -13.37
N ILE D 158 -1.44 14.12 -12.97
CA ILE D 158 -0.38 13.43 -13.68
C ILE D 158 0.08 12.21 -12.89
N SER D 159 0.46 11.15 -13.60
CA SER D 159 0.92 9.92 -12.97
C SER D 159 2.24 10.14 -12.23
N GLY D 160 2.48 9.33 -11.20
CA GLY D 160 3.68 9.44 -10.38
C GLY D 160 4.97 9.14 -11.12
N ASP D 161 4.86 8.54 -12.31
CA ASP D 161 6.03 8.18 -13.11
C ASP D 161 6.49 9.31 -14.02
N ARG D 162 5.68 10.36 -14.10
CA ARG D 162 5.99 11.52 -14.94
C ARG D 162 6.47 12.69 -14.10
N LEU D 163 7.48 13.41 -14.59
CA LEU D 163 7.95 14.61 -13.89
C LEU D 163 7.79 15.87 -14.73
N THR D 164 7.08 15.74 -15.85
CA THR D 164 6.79 16.87 -16.73
C THR D 164 5.36 16.78 -17.25
N HIS D 165 4.79 17.91 -17.64
CA HIS D 165 3.46 17.93 -18.19
C HIS D 165 3.27 19.11 -19.15
N GLN D 166 2.43 18.91 -20.16
CA GLN D 166 2.19 19.93 -21.17
C GLN D 166 0.82 20.57 -21.00
N ILE D 167 0.82 21.89 -20.85
CA ILE D 167 -0.42 22.65 -20.77
C ILE D 167 -0.56 23.49 -22.04
N MET D 168 -1.74 23.45 -22.65
CA MET D 168 -1.95 24.14 -23.93
C MET D 168 -3.04 25.19 -23.86
N ASP D 169 -3.16 25.96 -24.94
CA ASP D 169 -4.19 26.98 -25.10
C ASP D 169 -4.29 27.98 -23.94
N LEU D 170 -3.13 28.46 -23.47
CA LEU D 170 -3.11 29.53 -22.48
C LEU D 170 -3.36 30.87 -23.15
N ASN D 171 -3.44 31.93 -22.37
CA ASN D 171 -3.63 33.26 -22.93
C ASN D 171 -2.31 34.01 -23.03
N LEU D 172 -2.25 34.96 -23.96
CA LEU D 172 -1.03 35.72 -24.20
C LEU D 172 -0.99 36.97 -23.34
N ASP D 173 0.20 37.28 -22.81
CA ASP D 173 0.40 38.38 -21.88
C ASP D 173 -0.59 38.31 -20.72
N THR D 174 -0.46 37.28 -19.90
CA THR D 174 -1.31 37.08 -18.73
C THR D 174 -0.51 36.34 -17.65
N MET D 175 -0.69 36.76 -16.40
CA MET D 175 0.02 36.14 -15.29
C MET D 175 -0.73 34.90 -14.82
N TYR D 176 -0.02 33.77 -14.80
CA TYR D 176 -0.60 32.51 -14.34
C TYR D 176 -0.03 32.07 -13.00
N TYR D 177 -0.83 31.35 -12.23
CA TYR D 177 -0.41 30.85 -10.93
C TYR D 177 -0.31 29.34 -10.95
N PHE D 178 0.72 28.78 -10.33
CA PHE D 178 0.88 27.33 -10.33
C PHE D 178 1.08 26.73 -8.93
N ARG D 179 0.34 25.67 -8.67
CA ARG D 179 0.42 24.94 -7.41
C ARG D 179 0.48 23.45 -7.72
N ILE D 180 1.34 22.71 -7.03
CA ILE D 180 1.43 21.28 -7.26
C ILE D 180 1.58 20.51 -5.95
N GLN D 181 1.01 19.32 -5.90
CA GLN D 181 1.08 18.47 -4.71
C GLN D 181 1.22 17.00 -5.09
N ALA D 182 1.77 16.21 -4.17
CA ALA D 182 1.98 14.78 -4.42
C ALA D 182 0.95 13.94 -3.66
N ARG D 183 0.42 12.93 -4.33
CA ARG D 183 -0.50 11.99 -3.70
C ARG D 183 0.24 10.70 -3.34
N ASN D 184 -0.46 9.79 -2.67
CA ASN D 184 0.13 8.59 -2.10
C ASN D 184 -1.00 7.64 -1.71
N SER D 185 -0.70 6.35 -1.61
CA SER D 185 -1.70 5.33 -1.30
C SER D 185 -2.59 5.62 -0.08
N LYS D 186 -2.09 6.43 0.86
CA LYS D 186 -2.85 6.74 2.08
C LYS D 186 -3.29 8.20 2.17
N GLY D 187 -3.00 8.98 1.14
CA GLY D 187 -3.44 10.36 1.11
C GLY D 187 -2.59 11.28 0.26
N VAL D 188 -2.85 12.57 0.37
CA VAL D 188 -2.16 13.57 -0.44
C VAL D 188 -1.43 14.59 0.44
N GLY D 189 -0.17 14.84 0.09
CA GLY D 189 0.66 15.80 0.81
C GLY D 189 0.26 17.24 0.54
N PRO D 190 0.91 18.19 1.23
CA PRO D 190 0.60 19.62 1.11
C PRO D 190 1.04 20.23 -0.21
N LEU D 191 0.31 21.27 -0.63
CA LEU D 191 0.65 22.02 -1.83
C LEU D 191 1.96 22.79 -1.69
N SER D 192 2.61 23.05 -2.81
CA SER D 192 3.84 23.85 -2.82
C SER D 192 3.51 25.33 -2.70
N ASP D 193 4.53 26.16 -2.76
CA ASP D 193 4.32 27.60 -2.80
C ASP D 193 4.03 28.02 -4.23
N PRO D 194 3.19 29.04 -4.41
CA PRO D 194 2.78 29.49 -5.75
C PRO D 194 3.97 29.86 -6.64
N ILE D 195 3.90 29.46 -7.91
CA ILE D 195 4.89 29.84 -8.90
C ILE D 195 4.27 30.80 -9.91
N LEU D 196 4.91 31.96 -10.10
CA LEU D 196 4.40 32.96 -11.01
C LEU D 196 5.09 32.87 -12.37
N PHE D 197 4.31 32.63 -13.42
CA PHE D 197 4.84 32.60 -14.76
C PHE D 197 4.06 33.52 -15.69
N ARG D 198 4.77 34.45 -16.32
CA ARG D 198 4.15 35.40 -17.23
C ARG D 198 4.40 35.02 -18.68
N THR D 199 3.35 34.65 -19.40
CA THR D 199 3.46 34.42 -20.83
C THR D 199 3.84 35.72 -21.52
N LEU D 200 4.66 35.63 -22.56
CA LEU D 200 5.15 36.82 -23.23
C LEU D 200 4.15 37.37 -24.22
N LYS D 201 4.34 38.63 -24.60
CA LYS D 201 3.52 39.24 -25.64
C LYS D 201 4.28 39.16 -26.96
N LEU D 202 3.54 39.18 -28.06
CA LEU D 202 4.11 38.98 -29.39
C LEU D 202 5.20 40.00 -29.72
N GLU D 203 5.07 41.21 -29.18
CA GLU D 203 6.06 42.26 -29.40
C GLU D 203 7.45 41.81 -28.91
N VAL D 204 7.49 41.28 -27.70
CA VAL D 204 8.74 40.85 -27.09
C VAL D 204 9.24 39.55 -27.71
N LEU D 205 8.29 38.70 -28.10
CA LEU D 205 8.59 37.35 -28.57
C LEU D 205 9.28 37.34 -29.94
N PHE D 206 9.07 38.38 -30.73
CA PHE D 206 9.68 38.44 -32.07
C PHE D 206 10.62 39.63 -32.21
N GLN D 207 11.77 39.37 -32.83
CA GLN D 207 12.81 40.39 -32.97
C GLN D 207 13.46 40.34 -34.34
#